data_4M9U
#
_entry.id   4M9U
#
_cell.length_a   85.313
_cell.length_b   85.313
_cell.length_c   107.673
_cell.angle_alpha   90.00
_cell.angle_beta   90.00
_cell.angle_gamma   90.00
#
_symmetry.space_group_name_H-M   'P 43 21 2'
#
loop_
_entity.id
_entity.type
_entity.pdbx_description
1 polymer 'Phosphoribosylaminoimidazole carboxylase, ATPase subunit'
2 non-polymer 'SODIUM ION'
3 non-polymer 'CHLORIDE ION'
4 non-polymer 'ACETATE ION'
5 non-polymer 'FORMIC ACID'
6 water water
#
_entity_poly.entity_id   1
_entity_poly.type   'polypeptide(L)'
_entity_poly.pdbx_seq_one_letter_code
;(MSE)KIGIIGAGQLAR(MSE)LSLAGTPLGLEFHCLGKNGDCAEEVVKTVTDIELTKVNDVVAWAKQFDVITFENENIS
HELIKAINHEVSVYPSAKAIAISQDRLLEKSF(MSE)QDHGIATAKFVNIDSLAKLQSAVDDHGLPAILKTRRFGYDGKG
QFVIRSQEDITKAWDVLKDAPDGLIYEAFVDFDYEVSQICTADLKGNIAFYPLARNTHKQGIIVESEAPFENVVLAEKAQ
QIAKILVKEFAYVGTLAIEFFVKGDELIVNEIAPRVHNSGHWSIDGAVTSQFENHVRAIAGLILGDTTSRKTV(MSE)LN
CIGG(MSE)PATKDLAALDRVKIHSYNKEPRKGRKVGHLNLNLNDETDEYQLLQVKKLIALSEEIAGNLYFQ
;
_entity_poly.pdbx_strand_id   A
#
loop_
_chem_comp.id
_chem_comp.type
_chem_comp.name
_chem_comp.formula
ACT non-polymer 'ACETATE ION' 'C2 H3 O2 -1'
CL non-polymer 'CHLORIDE ION' 'Cl -1'
FMT non-polymer 'FORMIC ACID' 'C H2 O2'
NA non-polymer 'SODIUM ION' 'Na 1'
#
# COMPACT_ATOMS: atom_id res chain seq x y z
N MSE A 1 9.57 9.07 -23.29
CA MSE A 1 9.98 8.04 -22.33
C MSE A 1 8.91 7.00 -22.13
O MSE A 1 7.72 7.32 -22.05
CB MSE A 1 10.32 8.68 -20.99
CG MSE A 1 10.90 7.70 -19.99
SE MSE A 1 11.25 8.57 -18.28
CE MSE A 1 13.01 7.81 -17.93
N LYS A 2 9.31 5.74 -22.03
CA LYS A 2 8.38 4.65 -21.79
C LYS A 2 8.61 4.06 -20.41
N ILE A 3 7.52 3.93 -19.65
CA ILE A 3 7.56 3.35 -18.31
C ILE A 3 6.87 1.99 -18.32
N GLY A 4 7.58 0.96 -17.89
CA GLY A 4 6.98 -0.36 -17.74
C GLY A 4 6.53 -0.56 -16.31
N ILE A 5 5.31 -1.07 -16.12
CA ILE A 5 4.82 -1.35 -14.76
C ILE A 5 4.55 -2.84 -14.64
N ILE A 6 5.13 -3.50 -13.62
CA ILE A 6 4.81 -4.89 -13.38
C ILE A 6 3.52 -4.92 -12.57
N GLY A 7 2.47 -5.45 -13.20
CA GLY A 7 1.13 -5.41 -12.66
C GLY A 7 0.24 -4.49 -13.47
N ALA A 8 -1.02 -4.88 -13.61
CA ALA A 8 -1.99 -4.11 -14.40
C ALA A 8 -3.28 -3.90 -13.62
N GLY A 9 -3.15 -3.81 -12.29
CA GLY A 9 -4.29 -3.59 -11.41
C GLY A 9 -4.62 -2.12 -11.22
N GLN A 10 -5.40 -1.81 -10.19
CA GLN A 10 -5.90 -0.43 -10.04
C GLN A 10 -4.80 0.57 -9.73
N LEU A 11 -3.72 0.14 -9.08
CA LEU A 11 -2.61 1.06 -8.80
C LEU A 11 -1.91 1.44 -10.10
N ALA A 12 -1.67 0.45 -10.97
CA ALA A 12 -1.12 0.72 -12.31
C ALA A 12 -2.05 1.63 -13.12
N ARG A 13 -3.36 1.35 -13.06
CA ARG A 13 -4.37 2.15 -13.74
C ARG A 13 -4.24 3.63 -13.33
N MSE A 14 -4.12 3.85 -12.03
CA MSE A 14 -4.07 5.21 -11.53
C MSE A 14 -2.70 5.87 -11.76
O MSE A 14 -2.63 7.08 -11.94
CB MSE A 14 -4.52 5.29 -10.07
CG MSE A 14 -6.03 5.06 -9.96
SE MSE A 14 -6.70 5.19 -8.14
CE MSE A 14 -6.26 3.38 -7.56
N LEU A 15 -1.63 5.08 -11.79
CA LEU A 15 -0.33 5.61 -12.18
C LEU A 15 -0.39 6.15 -13.61
N SER A 16 -1.01 5.40 -14.51
CA SER A 16 -1.13 5.84 -15.90
C SER A 16 -2.05 7.04 -16.05
N LEU A 17 -3.18 7.05 -15.34
CA LEU A 17 -4.07 8.22 -15.39
C LEU A 17 -3.35 9.49 -14.95
N ALA A 18 -2.47 9.36 -13.97
CA ALA A 18 -1.73 10.50 -13.45
C ALA A 18 -0.54 10.91 -14.31
N GLY A 19 0.09 9.92 -14.92
CA GLY A 19 1.35 10.14 -15.63
C GLY A 19 1.20 10.43 -17.11
N THR A 20 0.11 9.97 -17.69
CA THR A 20 -0.14 10.18 -19.11
C THR A 20 -0.18 11.69 -19.48
N PRO A 21 -0.79 12.54 -18.64
CA PRO A 21 -0.73 13.98 -18.97
C PRO A 21 0.69 14.57 -18.97
N LEU A 22 1.64 13.89 -18.34
CA LEU A 22 3.02 14.38 -18.37
C LEU A 22 3.71 14.02 -19.69
N GLY A 23 3.01 13.30 -20.55
CA GLY A 23 3.55 12.95 -21.86
C GLY A 23 4.33 11.65 -21.85
N LEU A 24 4.16 10.89 -20.77
CA LEU A 24 4.83 9.60 -20.62
C LEU A 24 3.95 8.48 -21.14
N GLU A 25 4.59 7.39 -21.60
CA GLU A 25 3.87 6.29 -22.20
C GLU A 25 4.00 5.07 -21.27
N PHE A 26 2.88 4.39 -21.01
CA PHE A 26 2.84 3.31 -20.03
C PHE A 26 2.55 1.97 -20.62
N HIS A 27 3.28 0.97 -20.12
CA HIS A 27 3.11 -0.40 -20.59
C HIS A 27 3.09 -1.30 -19.38
N CYS A 28 2.16 -2.24 -19.33
CA CYS A 28 2.06 -3.14 -18.17
C CYS A 28 2.39 -4.59 -18.48
N LEU A 29 2.92 -5.27 -17.47
CA LEU A 29 2.98 -6.73 -17.48
C LEU A 29 1.75 -7.20 -16.70
N GLY A 30 0.84 -7.88 -17.38
CA GLY A 30 -0.42 -8.28 -16.78
C GLY A 30 -1.30 -8.93 -17.82
N LYS A 31 -2.60 -8.97 -17.58
CA LYS A 31 -3.51 -9.67 -18.50
C LYS A 31 -4.53 -8.72 -19.13
N ASN A 32 -5.01 -9.05 -20.33
CA ASN A 32 -6.00 -8.23 -21.03
C ASN A 32 -7.20 -7.81 -20.19
N GLY A 33 -7.68 -8.69 -19.32
CA GLY A 33 -8.86 -8.37 -18.54
C GLY A 33 -8.60 -7.49 -17.33
N ASP A 34 -7.35 -7.11 -17.10
CA ASP A 34 -7.00 -6.36 -15.90
C ASP A 34 -7.37 -4.90 -16.08
N CYS A 35 -7.63 -4.20 -14.99
CA CYS A 35 -8.29 -2.89 -15.07
C CYS A 35 -7.41 -1.75 -15.59
N ALA A 36 -6.10 -1.96 -15.63
CA ALA A 36 -5.24 -0.93 -16.23
C ALA A 36 -5.24 -0.98 -17.75
N GLU A 37 -5.74 -2.08 -18.34
CA GLU A 37 -5.55 -2.30 -19.78
C GLU A 37 -6.04 -1.14 -20.62
N GLU A 38 -7.20 -0.60 -20.29
CA GLU A 38 -7.80 0.41 -21.15
C GLU A 38 -7.09 1.76 -21.11
N VAL A 39 -6.21 1.96 -20.13
CA VAL A 39 -5.51 3.25 -20.01
C VAL A 39 -4.00 3.17 -20.20
N VAL A 40 -3.49 2.02 -20.65
CA VAL A 40 -2.06 1.91 -20.96
C VAL A 40 -1.87 1.50 -22.42
N LYS A 41 -0.68 1.76 -22.94
CA LYS A 41 -0.39 1.52 -24.36
C LYS A 41 -0.46 0.03 -24.70
N THR A 42 0.24 -0.79 -23.91
CA THR A 42 0.22 -2.23 -24.11
C THR A 42 0.17 -2.97 -22.79
N VAL A 43 -0.36 -4.19 -22.86
CA VAL A 43 -0.31 -5.13 -21.74
C VAL A 43 0.27 -6.44 -22.27
N THR A 44 1.19 -7.03 -21.53
CA THR A 44 1.86 -8.26 -21.95
C THR A 44 1.82 -9.26 -20.81
N ASP A 45 1.33 -10.47 -21.11
CA ASP A 45 1.14 -11.51 -20.10
C ASP A 45 2.32 -12.46 -20.07
N ILE A 46 3.15 -12.33 -19.04
CA ILE A 46 4.30 -13.20 -18.85
C ILE A 46 4.31 -13.69 -17.41
N GLU A 47 4.47 -15.01 -17.23
CA GLU A 47 4.62 -15.57 -15.88
C GLU A 47 5.92 -15.06 -15.25
N LEU A 48 5.84 -14.54 -14.03
CA LEU A 48 6.99 -13.91 -13.39
C LEU A 48 8.17 -14.86 -13.14
N THR A 49 7.90 -16.16 -13.18
CA THR A 49 8.93 -17.16 -12.99
C THR A 49 9.82 -17.28 -14.23
N LYS A 50 9.33 -16.80 -15.36
CA LYS A 50 10.11 -16.83 -16.58
C LYS A 50 11.01 -15.61 -16.63
N VAL A 51 12.08 -15.64 -15.85
CA VAL A 51 12.93 -14.47 -15.64
C VAL A 51 13.46 -13.86 -16.93
N ASN A 52 14.00 -14.70 -17.81
CA ASN A 52 14.51 -14.26 -19.10
C ASN A 52 13.46 -13.54 -19.93
N ASP A 53 12.23 -14.06 -19.95
CA ASP A 53 11.13 -13.44 -20.69
C ASP A 53 10.72 -12.10 -20.08
N VAL A 54 10.69 -12.01 -18.75
CA VAL A 54 10.36 -10.75 -18.08
C VAL A 54 11.44 -9.71 -18.35
N VAL A 55 12.69 -10.14 -18.34
CA VAL A 55 13.78 -9.20 -18.57
C VAL A 55 13.72 -8.68 -19.99
N ALA A 56 13.44 -9.57 -20.95
CA ALA A 56 13.30 -9.18 -22.35
C ALA A 56 12.14 -8.20 -22.55
N TRP A 57 11.05 -8.39 -21.82
CA TRP A 57 9.95 -7.44 -21.86
C TRP A 57 10.45 -6.10 -21.33
N ALA A 58 11.15 -6.13 -20.20
CA ALA A 58 11.54 -4.89 -19.53
C ALA A 58 12.50 -4.04 -20.36
N LYS A 59 13.34 -4.71 -21.16
CA LYS A 59 14.33 -4.03 -21.98
CA LYS A 59 14.34 -4.00 -21.95
C LYS A 59 13.73 -3.08 -23.00
N GLN A 60 12.44 -3.24 -23.25
CA GLN A 60 11.75 -2.38 -24.21
C GLN A 60 11.53 -0.98 -23.67
N PHE A 61 11.70 -0.81 -22.36
CA PHE A 61 11.31 0.44 -21.72
C PHE A 61 12.48 1.19 -21.10
N ASP A 62 12.21 2.40 -20.65
CA ASP A 62 13.27 3.26 -20.13
C ASP A 62 13.44 3.18 -18.62
N VAL A 63 12.35 2.87 -17.92
CA VAL A 63 12.35 2.66 -16.49
CA VAL A 63 12.32 2.67 -16.48
C VAL A 63 11.22 1.69 -16.14
N ILE A 64 11.41 0.92 -15.08
CA ILE A 64 10.43 -0.09 -14.68
C ILE A 64 10.03 0.19 -13.23
N THR A 65 8.75 0.07 -12.94
CA THR A 65 8.29 0.08 -11.56
C THR A 65 7.31 -1.06 -11.36
N PHE A 66 6.69 -1.13 -10.18
CA PHE A 66 5.85 -2.28 -9.86
C PHE A 66 4.75 -1.86 -8.90
N GLU A 67 3.62 -2.54 -8.96
CA GLU A 67 2.50 -2.23 -8.05
C GLU A 67 2.32 -3.24 -6.91
N ASN A 68 3.07 -4.33 -6.93
CA ASN A 68 2.94 -5.39 -5.89
C ASN A 68 4.32 -5.80 -5.37
N GLU A 69 4.60 -5.48 -4.11
CA GLU A 69 5.92 -5.73 -3.55
C GLU A 69 6.19 -7.19 -3.24
N ASN A 70 5.21 -8.06 -3.47
CA ASN A 70 5.42 -9.47 -3.18
C ASN A 70 6.21 -10.19 -4.28
N ILE A 71 6.54 -9.45 -5.33
CA ILE A 71 7.38 -9.92 -6.43
C ILE A 71 8.77 -10.33 -5.94
N SER A 72 9.40 -11.27 -6.63
CA SER A 72 10.74 -11.72 -6.29
C SER A 72 11.74 -10.58 -6.39
N HIS A 73 12.49 -10.31 -5.32
CA HIS A 73 13.43 -9.19 -5.38
C HIS A 73 14.65 -9.54 -6.24
N GLU A 74 14.89 -10.84 -6.42
CA GLU A 74 15.93 -11.29 -7.33
C GLU A 74 15.55 -11.05 -8.80
N LEU A 75 14.28 -11.18 -9.12
CA LEU A 75 13.79 -10.81 -10.46
C LEU A 75 14.05 -9.33 -10.69
N ILE A 76 13.78 -8.52 -9.67
CA ILE A 76 14.01 -7.09 -9.74
C ILE A 76 15.49 -6.79 -10.00
N LYS A 77 16.36 -7.50 -9.28
CA LYS A 77 17.80 -7.35 -9.48
C LYS A 77 18.20 -7.68 -10.92
N ALA A 78 17.63 -8.76 -11.45
CA ALA A 78 17.95 -9.18 -12.82
C ALA A 78 17.53 -8.11 -13.83
N ILE A 79 16.32 -7.58 -13.64
CA ILE A 79 15.84 -6.52 -14.52
C ILE A 79 16.71 -5.28 -14.42
N ASN A 80 17.07 -4.90 -13.19
CA ASN A 80 17.81 -3.67 -12.93
C ASN A 80 19.22 -3.62 -13.55
N HIS A 81 19.78 -4.79 -13.83
CA HIS A 81 21.03 -4.87 -14.57
C HIS A 81 20.92 -4.36 -16.01
N GLU A 82 19.70 -4.36 -16.54
CA GLU A 82 19.47 -3.99 -17.94
C GLU A 82 18.73 -2.66 -18.07
N VAL A 83 17.79 -2.41 -17.16
CA VAL A 83 16.98 -1.20 -17.20
C VAL A 83 16.64 -0.80 -15.77
N SER A 84 16.76 0.49 -15.47
CA SER A 84 16.56 0.96 -14.10
C SER A 84 15.19 0.60 -13.56
N VAL A 85 15.16 0.00 -12.37
CA VAL A 85 13.93 -0.25 -11.64
C VAL A 85 13.89 0.65 -10.40
N TYR A 86 12.72 1.23 -10.12
CA TYR A 86 12.51 2.00 -8.90
C TYR A 86 11.15 1.64 -8.34
N PRO A 87 11.03 1.49 -7.02
CA PRO A 87 12.11 1.60 -6.04
C PRO A 87 12.99 0.36 -5.97
N SER A 88 13.85 0.31 -4.97
CA SER A 88 14.99 -0.61 -4.96
C SER A 88 14.66 -2.03 -4.58
N ALA A 89 15.52 -2.95 -4.99
CA ALA A 89 15.37 -4.36 -4.60
C ALA A 89 15.43 -4.49 -3.08
N LYS A 90 16.25 -3.68 -2.44
CA LYS A 90 16.33 -3.70 -0.99
C LYS A 90 14.98 -3.34 -0.37
N ALA A 91 14.35 -2.27 -0.85
CA ALA A 91 13.03 -1.90 -0.35
C ALA A 91 12.01 -3.03 -0.49
N ILE A 92 12.03 -3.71 -1.64
CA ILE A 92 11.13 -4.84 -1.85
C ILE A 92 11.42 -5.99 -0.90
N ALA A 93 12.69 -6.39 -0.81
CA ALA A 93 13.08 -7.51 0.03
C ALA A 93 12.68 -7.31 1.47
N ILE A 94 12.92 -6.11 1.99
CA ILE A 94 12.60 -5.82 3.38
C ILE A 94 11.09 -5.68 3.60
N SER A 95 10.40 -4.93 2.75
CA SER A 95 8.99 -4.67 2.99
C SER A 95 8.10 -5.90 2.77
N GLN A 96 8.54 -6.85 1.97
CA GLN A 96 7.66 -7.96 1.56
C GLN A 96 7.64 -9.13 2.55
N ASP A 97 8.58 -9.13 3.49
CA ASP A 97 8.73 -10.21 4.44
C ASP A 97 8.59 -9.59 5.82
N ARG A 98 7.53 -9.97 6.55
CA ARG A 98 7.20 -9.31 7.82
C ARG A 98 8.32 -9.39 8.85
N LEU A 99 9.06 -10.50 8.82
CA LEU A 99 10.17 -10.68 9.76
C LEU A 99 11.32 -9.75 9.39
N LEU A 100 11.67 -9.69 8.11
CA LEU A 100 12.74 -8.79 7.69
C LEU A 100 12.36 -7.33 7.92
N GLU A 101 11.09 -7.02 7.69
CA GLU A 101 10.57 -5.67 7.88
C GLU A 101 10.71 -5.24 9.34
N LYS A 102 10.17 -6.04 10.26
CA LYS A 102 10.25 -5.70 11.69
C LYS A 102 11.67 -5.75 12.20
N SER A 103 12.46 -6.70 11.69
CA SER A 103 13.85 -6.80 12.12
C SER A 103 14.63 -5.57 11.69
N PHE A 104 14.35 -5.08 10.50
CA PHE A 104 14.97 -3.86 10.00
C PHE A 104 14.65 -2.67 10.89
N MSE A 105 13.36 -2.51 11.24
CA MSE A 105 12.97 -1.42 12.13
C MSE A 105 13.71 -1.53 13.45
O MSE A 105 14.29 -0.56 13.94
CB MSE A 105 11.46 -1.42 12.39
CG MSE A 105 10.62 -1.34 11.13
SE MSE A 105 11.00 0.23 10.06
CE MSE A 105 10.59 -0.54 8.31
N GLN A 106 13.72 -2.73 14.03
CA GLN A 106 14.35 -2.94 15.32
C GLN A 106 15.85 -2.61 15.26
N ASP A 107 16.51 -3.00 14.17
CA ASP A 107 17.95 -2.77 14.03
C ASP A 107 18.28 -1.29 13.94
N HIS A 108 17.27 -0.49 13.61
CA HIS A 108 17.44 0.97 13.49
C HIS A 108 16.79 1.73 14.63
N GLY A 109 16.44 1.03 15.69
CA GLY A 109 15.85 1.67 16.86
C GLY A 109 14.46 2.24 16.61
N ILE A 110 13.72 1.63 15.69
CA ILE A 110 12.35 2.04 15.36
C ILE A 110 11.35 1.06 15.98
N ALA A 111 10.34 1.58 16.67
CA ALA A 111 9.39 0.76 17.42
C ALA A 111 8.42 -0.02 16.51
N THR A 112 8.18 -1.28 16.87
CA THR A 112 7.16 -2.12 16.22
C THR A 112 6.51 -2.96 17.29
N ALA A 113 5.48 -3.70 16.89
CA ALA A 113 4.90 -4.70 17.77
C ALA A 113 5.97 -5.72 18.16
N LYS A 114 5.76 -6.41 19.27
CA LYS A 114 6.67 -7.50 19.65
C LYS A 114 6.50 -8.63 18.63
N PHE A 115 7.62 -9.20 18.19
CA PHE A 115 7.60 -10.22 17.15
C PHE A 115 8.67 -11.28 17.37
N VAL A 116 8.40 -12.49 16.89
CA VAL A 116 9.34 -13.61 17.01
C VAL A 116 9.30 -14.45 15.74
N ASN A 117 10.47 -14.83 15.23
CA ASN A 117 10.50 -15.77 14.11
C ASN A 117 10.05 -17.13 14.61
N ILE A 118 9.01 -17.69 14.01
CA ILE A 118 8.47 -18.98 14.47
C ILE A 118 8.85 -20.11 13.53
N ASP A 119 9.76 -20.96 13.96
CA ASP A 119 10.22 -22.08 13.15
C ASP A 119 9.99 -23.43 13.82
N SER A 120 9.22 -23.43 14.89
CA SER A 120 8.84 -24.65 15.59
C SER A 120 7.68 -24.36 16.54
N LEU A 121 6.95 -25.40 16.91
CA LEU A 121 5.89 -25.27 17.91
C LEU A 121 6.43 -24.77 19.25
N ALA A 122 7.59 -25.27 19.64
CA ALA A 122 8.20 -24.85 20.91
C ALA A 122 8.52 -23.36 20.90
N LYS A 123 8.97 -22.85 19.75
CA LYS A 123 9.32 -21.44 19.62
C LYS A 123 8.06 -20.58 19.77
N LEU A 124 6.94 -21.07 19.24
CA LEU A 124 5.67 -20.38 19.37
C LEU A 124 5.17 -20.35 20.81
N GLN A 125 5.30 -21.48 21.51
CA GLN A 125 4.91 -21.53 22.92
C GLN A 125 5.74 -20.55 23.74
N SER A 126 7.02 -20.46 23.42
CA SER A 126 7.93 -19.54 24.10
C SER A 126 7.59 -18.09 23.80
N ALA A 127 7.20 -17.81 22.56
CA ALA A 127 6.82 -16.47 22.15
C ALA A 127 5.59 -15.99 22.91
N VAL A 128 4.60 -16.87 23.07
CA VAL A 128 3.41 -16.56 23.84
C VAL A 128 3.75 -16.42 25.32
N ASP A 129 4.62 -17.30 25.81
CA ASP A 129 5.07 -17.22 27.20
C ASP A 129 5.76 -15.90 27.49
N ASP A 130 6.44 -15.35 26.49
CA ASP A 130 7.21 -14.13 26.67
C ASP A 130 6.40 -12.85 26.41
N HIS A 131 5.57 -12.86 25.38
CA HIS A 131 4.91 -11.65 24.92
C HIS A 131 3.38 -11.69 25.03
N GLY A 132 2.85 -12.86 25.33
CA GLY A 132 1.45 -12.99 25.69
C GLY A 132 0.43 -13.02 24.57
N LEU A 133 -0.83 -12.88 24.97
CA LEU A 133 -1.98 -12.95 24.08
C LEU A 133 -2.86 -11.72 24.32
N PRO A 134 -3.67 -11.33 23.32
CA PRO A 134 -3.83 -11.97 22.01
C PRO A 134 -2.66 -11.70 21.09
N ALA A 135 -2.51 -12.57 20.08
CA ALA A 135 -1.41 -12.44 19.14
C ALA A 135 -1.84 -13.07 17.84
N ILE A 136 -0.94 -13.05 16.86
CA ILE A 136 -1.25 -13.63 15.56
C ILE A 136 -0.04 -14.37 15.00
N LEU A 137 -0.28 -15.54 14.44
CA LEU A 137 0.74 -16.25 13.70
C LEU A 137 0.48 -15.97 12.23
N LYS A 138 1.46 -15.40 11.55
CA LYS A 138 1.27 -14.98 10.16
C LYS A 138 2.35 -15.54 9.28
N THR A 139 2.04 -15.78 8.01
CA THR A 139 3.09 -16.07 7.04
C THR A 139 3.96 -14.84 6.86
N ARG A 140 5.25 -15.05 6.67
CA ARG A 140 6.17 -13.93 6.51
C ARG A 140 5.95 -13.25 5.17
N ARG A 141 5.62 -14.05 4.16
CA ARG A 141 5.37 -13.54 2.83
C ARG A 141 3.88 -13.69 2.51
N PHE A 142 3.39 -12.88 1.59
CA PHE A 142 2.00 -13.00 1.14
C PHE A 142 1.02 -12.87 2.31
N GLY A 143 -0.14 -13.50 2.19
CA GLY A 143 -1.14 -13.40 3.24
C GLY A 143 -1.96 -12.14 3.06
N TYR A 144 -2.47 -11.94 1.85
CA TYR A 144 -3.31 -10.81 1.53
C TYR A 144 -4.56 -10.83 2.42
N ASP A 145 -4.77 -9.74 3.16
CA ASP A 145 -5.89 -9.63 4.09
C ASP A 145 -5.89 -10.74 5.15
N GLY A 146 -6.97 -11.52 5.18
CA GLY A 146 -7.13 -12.56 6.19
C GLY A 146 -6.46 -13.86 5.83
N LYS A 147 -5.78 -13.90 4.68
CA LYS A 147 -5.07 -15.10 4.26
C LYS A 147 -3.74 -15.24 5.00
N GLY A 148 -3.28 -16.48 5.17
CA GLY A 148 -1.99 -16.75 5.79
C GLY A 148 -1.86 -16.27 7.22
N GLN A 149 -2.90 -16.45 8.02
CA GLN A 149 -2.82 -16.02 9.41
C GLN A 149 -3.79 -16.79 10.30
N PHE A 150 -3.44 -16.86 11.58
CA PHE A 150 -4.30 -17.49 12.57
C PHE A 150 -4.18 -16.69 13.87
N VAL A 151 -5.30 -16.13 14.32
CA VAL A 151 -5.31 -15.33 15.55
C VAL A 151 -5.35 -16.22 16.77
N ILE A 152 -4.38 -16.04 17.67
CA ILE A 152 -4.26 -16.84 18.88
C ILE A 152 -4.77 -16.07 20.10
N ARG A 153 -5.84 -16.57 20.72
CA ARG A 153 -6.44 -15.87 21.86
C ARG A 153 -6.40 -16.70 23.14
N SER A 154 -6.28 -18.02 22.98
CA SER A 154 -6.22 -18.92 24.12
C SER A 154 -5.04 -19.85 23.96
N GLN A 155 -4.67 -20.53 25.04
CA GLN A 155 -3.59 -21.51 25.01
C GLN A 155 -3.88 -22.62 23.99
N GLU A 156 -5.14 -23.03 23.93
CA GLU A 156 -5.54 -24.12 23.05
C GLU A 156 -5.42 -23.77 21.56
N ASP A 157 -5.36 -22.47 21.26
CA ASP A 157 -5.20 -22.00 19.88
C ASP A 157 -3.77 -22.17 19.35
N ILE A 158 -2.82 -22.36 20.26
CA ILE A 158 -1.41 -22.37 19.89
C ILE A 158 -1.08 -23.54 18.97
N THR A 159 -1.47 -24.75 19.39
CA THR A 159 -1.26 -25.94 18.60
C THR A 159 -2.04 -25.92 17.28
N LYS A 160 -3.26 -25.39 17.31
CA LYS A 160 -4.08 -25.28 16.11
C LYS A 160 -3.45 -24.35 15.08
N ALA A 161 -2.98 -23.19 15.55
CA ALA A 161 -2.33 -22.22 14.66
C ALA A 161 -1.11 -22.85 13.99
N TRP A 162 -0.31 -23.56 14.77
CA TRP A 162 0.89 -24.21 14.26
C TRP A 162 0.57 -25.27 13.20
N ASP A 163 -0.37 -26.16 13.49
CA ASP A 163 -0.72 -27.24 12.56
C ASP A 163 -1.23 -26.72 11.22
N VAL A 164 -1.95 -25.60 11.26
CA VAL A 164 -2.49 -24.99 10.05
C VAL A 164 -1.41 -24.38 9.18
N LEU A 165 -0.48 -23.68 9.83
CA LEU A 165 0.42 -22.78 9.11
C LEU A 165 1.87 -23.28 8.96
N LYS A 166 2.23 -24.35 9.66
CA LYS A 166 3.63 -24.74 9.77
C LYS A 166 4.32 -25.06 8.44
N ASP A 167 3.54 -25.42 7.43
CA ASP A 167 4.15 -25.79 6.15
C ASP A 167 4.22 -24.64 5.14
N ALA A 168 3.93 -23.41 5.59
CA ALA A 168 4.06 -22.23 4.73
C ALA A 168 5.48 -22.18 4.20
N PRO A 169 5.61 -22.02 2.87
CA PRO A 169 6.90 -22.15 2.17
C PRO A 169 7.97 -21.18 2.68
N ASP A 170 7.55 -19.99 3.07
CA ASP A 170 8.49 -18.93 3.39
C ASP A 170 8.49 -18.55 4.87
N GLY A 171 7.92 -19.41 5.71
CA GLY A 171 8.07 -19.26 7.14
C GLY A 171 7.00 -18.41 7.82
N LEU A 172 7.11 -18.31 9.14
CA LEU A 172 6.07 -17.71 9.96
C LEU A 172 6.63 -16.68 10.95
N ILE A 173 5.77 -15.78 11.39
CA ILE A 173 6.12 -14.79 12.40
C ILE A 173 5.01 -14.68 13.45
N TYR A 174 5.40 -14.61 14.71
CA TYR A 174 4.48 -14.31 15.81
C TYR A 174 4.48 -12.79 15.98
N GLU A 175 3.30 -12.20 16.12
CA GLU A 175 3.18 -10.77 16.43
C GLU A 175 2.17 -10.54 17.54
N ALA A 176 2.58 -9.84 18.59
CA ALA A 176 1.68 -9.54 19.69
C ALA A 176 0.77 -8.39 19.31
N PHE A 177 -0.51 -8.46 19.67
CA PHE A 177 -1.42 -7.37 19.37
C PHE A 177 -1.02 -6.11 20.14
N VAL A 178 -1.11 -4.97 19.47
CA VAL A 178 -0.83 -3.68 20.07
C VAL A 178 -2.17 -3.04 20.42
N ASP A 179 -2.28 -2.51 21.62
CA ASP A 179 -3.50 -1.81 22.02
C ASP A 179 -3.41 -0.35 21.62
N PHE A 180 -3.58 -0.08 20.33
CA PHE A 180 -3.44 1.27 19.83
C PHE A 180 -4.75 2.05 19.91
N ASP A 181 -4.64 3.37 19.86
CA ASP A 181 -5.80 4.24 19.93
C ASP A 181 -6.41 4.42 18.54
N TYR A 182 -5.55 4.63 17.55
CA TYR A 182 -5.99 4.74 16.16
C TYR A 182 -4.80 4.50 15.22
N GLU A 183 -5.03 4.58 13.92
CA GLU A 183 -3.99 4.33 12.94
C GLU A 183 -3.79 5.51 12.01
N VAL A 184 -2.54 5.78 11.64
CA VAL A 184 -2.25 6.83 10.67
C VAL A 184 -1.22 6.31 9.69
N SER A 185 -1.10 6.97 8.54
CA SER A 185 -0.06 6.62 7.60
C SER A 185 0.64 7.87 7.10
N GLN A 186 1.93 7.71 6.83
CA GLN A 186 2.74 8.76 6.23
C GLN A 186 3.13 8.32 4.83
N ILE A 187 2.68 9.07 3.84
CA ILE A 187 3.07 8.84 2.46
C ILE A 187 4.02 9.95 2.05
N CYS A 188 5.05 9.59 1.29
CA CYS A 188 6.00 10.59 0.81
C CYS A 188 6.54 10.10 -0.53
N THR A 189 7.22 10.99 -1.25
CA THR A 189 7.84 10.60 -2.52
C THR A 189 9.27 11.12 -2.53
N ALA A 190 10.21 10.27 -2.93
CA ALA A 190 11.60 10.68 -3.01
C ALA A 190 12.04 10.73 -4.47
N ASP A 191 12.69 11.83 -4.84
CA ASP A 191 13.16 11.96 -6.22
C ASP A 191 14.52 11.29 -6.43
N LEU A 192 15.02 11.35 -7.65
CA LEU A 192 16.25 10.64 -7.99
C LEU A 192 17.44 11.11 -7.16
N LYS A 193 17.38 12.36 -6.68
CA LYS A 193 18.49 12.93 -5.92
C LYS A 193 18.29 12.89 -4.41
N GLY A 194 17.18 12.31 -3.97
CA GLY A 194 16.94 12.12 -2.54
C GLY A 194 16.14 13.23 -1.89
N ASN A 195 15.62 14.15 -2.68
CA ASN A 195 14.71 15.17 -2.12
C ASN A 195 13.38 14.50 -1.87
N ILE A 196 12.76 14.81 -0.73
CA ILE A 196 11.50 14.16 -0.35
C ILE A 196 10.36 15.14 -0.27
N ALA A 197 9.26 14.80 -0.95
CA ALA A 197 8.00 15.54 -0.81
C ALA A 197 7.12 14.77 0.16
N PHE A 198 6.66 15.44 1.21
CA PHE A 198 5.83 14.80 2.23
C PHE A 198 4.36 15.16 2.06
N TYR A 199 3.49 14.17 2.16
CA TYR A 199 2.06 14.43 2.28
C TYR A 199 1.72 14.59 3.75
N PRO A 200 0.57 15.21 4.05
CA PRO A 200 0.19 15.25 5.46
C PRO A 200 -0.15 13.84 5.91
N LEU A 201 -0.19 13.63 7.23
CA LEU A 201 -0.65 12.34 7.76
C LEU A 201 -2.09 12.10 7.33
N ALA A 202 -2.41 10.84 7.08
CA ALA A 202 -3.81 10.43 6.90
C ALA A 202 -4.21 9.55 8.07
N ARG A 203 -5.43 9.76 8.57
CA ARG A 203 -5.97 8.88 9.60
C ARG A 203 -6.79 7.80 8.91
N ASN A 204 -6.49 6.54 9.22
CA ASN A 204 -7.10 5.44 8.49
C ASN A 204 -7.96 4.57 9.39
N THR A 205 -9.16 4.30 8.91
CA THR A 205 -10.10 3.45 9.62
C THR A 205 -10.15 2.12 8.90
N HIS A 206 -9.97 1.03 9.65
CA HIS A 206 -10.08 -0.31 9.08
C HIS A 206 -11.37 -0.99 9.55
N LYS A 207 -11.92 -1.84 8.70
CA LYS A 207 -13.02 -2.72 9.09
C LYS A 207 -12.66 -4.11 8.60
N GLN A 208 -12.66 -5.09 9.52
CA GLN A 208 -12.25 -6.45 9.20
C GLN A 208 -10.86 -6.52 8.56
N GLY A 209 -9.97 -5.62 8.95
CA GLY A 209 -8.60 -5.63 8.45
C GLY A 209 -8.37 -4.90 7.14
N ILE A 210 -9.42 -4.33 6.56
CA ILE A 210 -9.30 -3.61 5.30
C ILE A 210 -9.56 -2.11 5.54
N ILE A 211 -8.78 -1.25 4.90
CA ILE A 211 -9.02 0.19 5.02
C ILE A 211 -10.37 0.52 4.39
N VAL A 212 -11.21 1.25 5.12
CA VAL A 212 -12.49 1.65 4.55
C VAL A 212 -12.60 3.16 4.43
N GLU A 213 -11.77 3.88 5.17
CA GLU A 213 -11.83 5.33 5.16
C GLU A 213 -10.45 5.88 5.48
N SER A 214 -10.07 6.94 4.77
CA SER A 214 -8.82 7.65 5.03
CA SER A 214 -8.82 7.65 5.02
C SER A 214 -9.14 9.12 5.04
N GLU A 215 -8.65 9.84 6.04
CA GLU A 215 -8.92 11.27 6.14
C GLU A 215 -7.63 12.05 6.31
N ALA A 216 -7.44 13.06 5.48
CA ALA A 216 -6.24 13.90 5.52
C ALA A 216 -6.60 15.36 5.29
N PRO A 217 -5.80 16.29 5.83
CA PRO A 217 -4.68 16.08 6.73
C PRO A 217 -5.15 15.73 8.13
N PHE A 218 -4.45 14.81 8.78
CA PHE A 218 -4.62 14.60 10.20
C PHE A 218 -3.62 15.49 10.93
N GLU A 219 -4.15 16.54 11.55
CA GLU A 219 -3.35 17.64 12.05
C GLU A 219 -2.90 17.44 13.49
N ASN A 220 -2.00 16.49 13.69
CA ASN A 220 -1.30 16.31 14.94
C ASN A 220 0.17 16.58 14.66
N VAL A 221 0.69 17.70 15.15
CA VAL A 221 2.02 18.15 14.76
C VAL A 221 3.14 17.25 15.29
N VAL A 222 3.00 16.75 16.50
CA VAL A 222 4.01 15.90 17.11
C VAL A 222 4.15 14.57 16.35
N LEU A 223 3.01 13.94 16.04
CA LEU A 223 3.03 12.69 15.29
C LEU A 223 3.58 12.90 13.88
N ALA A 224 3.18 14.00 13.24
CA ALA A 224 3.61 14.22 11.87
C ALA A 224 5.12 14.39 11.81
N GLU A 225 5.68 15.17 12.74
CA GLU A 225 7.11 15.37 12.80
C GLU A 225 7.86 14.05 13.03
N LYS A 226 7.34 13.22 13.92
CA LYS A 226 7.94 11.89 14.15
C LYS A 226 7.86 11.00 12.90
N ALA A 227 6.71 11.02 12.22
CA ALA A 227 6.53 10.19 11.04
C ALA A 227 7.46 10.62 9.91
N GLN A 228 7.65 11.92 9.80
CA GLN A 228 8.54 12.45 8.76
C GLN A 228 9.98 11.99 8.97
N GLN A 229 10.39 11.90 10.23
CA GLN A 229 11.75 11.44 10.56
C GLN A 229 11.94 10.00 10.14
N ILE A 230 10.94 9.17 10.42
CA ILE A 230 10.97 7.77 10.00
C ILE A 230 11.05 7.65 8.49
N ALA A 231 10.24 8.44 7.78
CA ALA A 231 10.26 8.41 6.32
C ALA A 231 11.66 8.73 5.78
N LYS A 232 12.28 9.76 6.34
CA LYS A 232 13.62 10.16 5.92
C LYS A 232 14.62 9.01 6.11
N ILE A 233 14.53 8.33 7.23
CA ILE A 233 15.41 7.20 7.52
C ILE A 233 15.24 6.08 6.49
N LEU A 234 14.00 5.71 6.19
CA LEU A 234 13.75 4.63 5.24
C LEU A 234 14.20 5.01 3.84
N VAL A 235 13.92 6.25 3.44
CA VAL A 235 14.37 6.71 2.12
C VAL A 235 15.89 6.59 1.98
N LYS A 236 16.63 7.02 3.00
CA LYS A 236 18.09 6.93 2.95
C LYS A 236 18.56 5.48 2.90
N GLU A 237 18.04 4.66 3.82
CA GLU A 237 18.55 3.31 3.95
C GLU A 237 18.21 2.44 2.75
N PHE A 238 17.09 2.75 2.08
CA PHE A 238 16.69 1.98 0.90
C PHE A 238 17.20 2.59 -0.41
N ALA A 239 17.86 3.75 -0.33
CA ALA A 239 18.19 4.54 -1.52
C ALA A 239 16.94 4.66 -2.40
N TYR A 240 15.86 5.07 -1.76
CA TYR A 240 14.52 4.95 -2.30
C TYR A 240 14.20 6.05 -3.30
N VAL A 241 13.63 5.65 -4.44
CA VAL A 241 13.09 6.59 -5.42
C VAL A 241 11.65 6.16 -5.68
N GLY A 242 10.71 7.08 -5.54
CA GLY A 242 9.31 6.80 -5.78
C GLY A 242 8.48 7.15 -4.55
N THR A 243 7.21 6.78 -4.60
CA THR A 243 6.32 6.96 -3.45
C THR A 243 6.46 5.79 -2.47
N LEU A 244 6.52 6.14 -1.20
CA LEU A 244 6.69 5.20 -0.09
C LEU A 244 5.57 5.43 0.91
N ALA A 245 5.00 4.35 1.44
CA ALA A 245 3.95 4.47 2.44
C ALA A 245 4.35 3.77 3.73
N ILE A 246 4.16 4.45 4.85
CA ILE A 246 4.42 3.86 6.15
C ILE A 246 3.16 3.90 6.99
N GLU A 247 2.70 2.74 7.45
CA GLU A 247 1.52 2.68 8.31
C GLU A 247 1.97 2.57 9.75
N PHE A 248 1.29 3.31 10.65
CA PHE A 248 1.63 3.34 12.06
C PHE A 248 0.43 3.00 12.93
N PHE A 249 0.70 2.45 14.11
CA PHE A 249 -0.26 2.44 15.20
C PHE A 249 0.03 3.68 16.06
N VAL A 250 -1.01 4.28 16.60
CA VAL A 250 -0.82 5.41 17.51
C VAL A 250 -1.25 5.03 18.92
N LYS A 251 -0.34 5.22 19.88
CA LYS A 251 -0.63 5.08 21.30
C LYS A 251 -0.29 6.40 21.98
N GLY A 252 -1.31 7.16 22.35
CA GLY A 252 -1.09 8.47 22.93
C GLY A 252 -0.37 9.39 21.97
N ASP A 253 0.82 9.83 22.37
CA ASP A 253 1.64 10.68 21.50
C ASP A 253 2.79 9.89 20.91
N GLU A 254 2.72 8.56 21.00
CA GLU A 254 3.77 7.71 20.42
C GLU A 254 3.33 6.98 19.15
N LEU A 255 4.26 6.85 18.22
CA LEU A 255 4.05 6.09 17.00
C LEU A 255 4.73 4.75 17.11
N ILE A 256 4.09 3.74 16.54
CA ILE A 256 4.68 2.41 16.41
C ILE A 256 4.53 2.00 14.94
N VAL A 257 5.62 1.65 14.27
CA VAL A 257 5.51 1.21 12.87
C VAL A 257 4.72 -0.10 12.80
N ASN A 258 3.73 -0.10 11.91
CA ASN A 258 2.91 -1.27 11.64
C ASN A 258 3.54 -2.02 10.47
N GLU A 259 3.50 -1.43 9.28
CA GLU A 259 4.15 -2.01 8.12
C GLU A 259 4.40 -0.95 7.07
N ILE A 260 5.22 -1.29 6.08
CA ILE A 260 5.50 -0.36 5.00
C ILE A 260 5.17 -0.96 3.66
N ALA A 261 4.85 -0.10 2.71
CA ALA A 261 4.62 -0.54 1.34
C ALA A 261 5.47 0.33 0.43
N PRO A 262 6.29 -0.30 -0.43
CA PRO A 262 7.21 0.46 -1.28
C PRO A 262 6.51 0.82 -2.59
N ARG A 263 5.47 1.63 -2.46
CA ARG A 263 4.59 1.94 -3.57
C ARG A 263 3.53 2.93 -3.15
N VAL A 264 2.82 3.47 -4.13
CA VAL A 264 1.54 4.14 -3.88
C VAL A 264 0.65 3.20 -3.08
N HIS A 265 -0.21 3.77 -2.24
CA HIS A 265 -0.93 2.99 -1.24
C HIS A 265 -2.35 3.50 -1.08
N ASN A 266 -3.26 2.62 -0.69
CA ASN A 266 -4.68 2.93 -0.53
C ASN A 266 -4.93 4.15 0.35
N SER A 267 -4.09 4.32 1.37
CA SER A 267 -4.26 5.43 2.30
C SER A 267 -3.84 6.78 1.70
N GLY A 268 -3.39 6.77 0.46
CA GLY A 268 -3.05 8.01 -0.24
C GLY A 268 -3.98 8.35 -1.38
N HIS A 269 -5.03 7.56 -1.58
CA HIS A 269 -5.90 7.82 -2.73
C HIS A 269 -6.59 9.16 -2.64
N TRP A 270 -6.76 9.68 -1.42
CA TRP A 270 -7.36 11.00 -1.22
C TRP A 270 -6.59 12.07 -2.01
N SER A 271 -5.30 11.83 -2.20
CA SER A 271 -4.42 12.85 -2.79
C SER A 271 -4.71 13.14 -4.26
N ILE A 272 -5.45 12.26 -4.92
CA ILE A 272 -5.90 12.52 -6.29
C ILE A 272 -6.71 13.82 -6.34
N ASP A 273 -7.56 14.01 -5.33
CA ASP A 273 -8.46 15.16 -5.31
C ASP A 273 -8.18 16.17 -4.20
N GLY A 274 -7.23 15.85 -3.33
CA GLY A 274 -6.94 16.68 -2.18
C GLY A 274 -5.54 17.29 -2.13
N ALA A 275 -4.67 16.94 -3.06
CA ALA A 275 -3.32 17.51 -3.10
C ALA A 275 -3.05 18.10 -4.47
N VAL A 276 -2.17 19.08 -4.54
CA VAL A 276 -1.81 19.69 -5.82
C VAL A 276 -1.23 18.65 -6.76
N THR A 277 -0.45 17.73 -6.20
CA THR A 277 0.14 16.65 -6.98
C THR A 277 -0.14 15.36 -6.22
N SER A 278 -0.81 14.41 -6.86
CA SER A 278 -1.19 13.17 -6.16
C SER A 278 -0.01 12.25 -5.95
N GLN A 279 -0.17 11.27 -5.06
CA GLN A 279 0.87 10.27 -4.84
C GLN A 279 1.22 9.53 -6.13
N PHE A 280 0.26 9.44 -7.03
CA PHE A 280 0.48 8.75 -8.30
C PHE A 280 1.31 9.60 -9.25
N GLU A 281 0.93 10.86 -9.41
CA GLU A 281 1.70 11.74 -10.28
C GLU A 281 3.14 11.85 -9.77
N ASN A 282 3.28 11.92 -8.45
CA ASN A 282 4.61 12.06 -7.91
C ASN A 282 5.45 10.79 -8.00
N HIS A 283 4.83 9.62 -7.89
CA HIS A 283 5.58 8.39 -8.12
C HIS A 283 6.15 8.41 -9.53
N VAL A 284 5.32 8.78 -10.48
CA VAL A 284 5.73 8.83 -11.87
C VAL A 284 6.85 9.86 -12.09
N ARG A 285 6.71 11.05 -11.50
CA ARG A 285 7.74 12.06 -11.64
C ARG A 285 9.06 11.57 -11.06
N ALA A 286 9.00 10.92 -9.90
CA ALA A 286 10.20 10.40 -9.24
C ALA A 286 10.95 9.42 -10.12
N ILE A 287 10.26 8.40 -10.61
CA ILE A 287 10.94 7.35 -11.37
C ILE A 287 11.35 7.82 -12.75
N ALA A 288 10.69 8.86 -13.25
CA ALA A 288 11.07 9.45 -14.55
C ALA A 288 12.23 10.42 -14.47
N GLY A 289 12.72 10.68 -13.25
CA GLY A 289 13.85 11.58 -13.08
C GLY A 289 13.47 13.04 -13.13
N LEU A 290 12.19 13.32 -12.87
CA LEU A 290 11.68 14.69 -12.87
C LEU A 290 11.63 15.25 -11.44
N ILE A 291 11.63 16.57 -11.32
CA ILE A 291 11.42 17.21 -10.01
C ILE A 291 9.97 16.95 -9.59
N LEU A 292 9.75 16.78 -8.29
CA LEU A 292 8.42 16.42 -7.78
C LEU A 292 7.48 17.63 -7.76
N GLY A 293 6.19 17.35 -7.86
CA GLY A 293 5.19 18.40 -7.84
C GLY A 293 4.80 18.76 -6.42
N ASP A 294 4.32 19.97 -6.27
CA ASP A 294 3.92 20.53 -4.98
C ASP A 294 2.86 19.65 -4.33
N THR A 295 2.97 19.44 -3.02
CA THR A 295 2.05 18.55 -2.31
C THR A 295 1.12 19.26 -1.34
N THR A 296 0.93 20.56 -1.55
CA THR A 296 -0.04 21.33 -0.76
C THR A 296 -1.39 20.62 -0.79
N SER A 297 -2.01 20.49 0.38
CA SER A 297 -3.19 19.66 0.54
C SER A 297 -4.36 20.40 1.18
N ARG A 298 -5.55 19.83 0.99
CA ARG A 298 -6.77 20.37 1.58
C ARG A 298 -7.56 19.20 2.15
N LYS A 299 -8.41 19.48 3.13
CA LYS A 299 -9.14 18.43 3.84
C LYS A 299 -10.00 17.58 2.91
N THR A 300 -9.78 16.28 2.94
CA THR A 300 -10.39 15.35 1.99
C THR A 300 -10.63 14.04 2.72
N VAL A 301 -11.77 13.41 2.45
CA VAL A 301 -12.01 12.05 2.96
C VAL A 301 -12.07 11.11 1.78
N MSE A 302 -11.46 9.93 1.93
CA MSE A 302 -11.58 8.88 0.93
C MSE A 302 -12.36 7.73 1.53
O MSE A 302 -12.05 7.28 2.65
CB MSE A 302 -10.21 8.36 0.53
CG MSE A 302 -10.35 7.32 -0.55
SE MSE A 302 -9.43 5.64 -0.26
CE MSE A 302 -9.98 5.20 1.52
N LEU A 303 -13.38 7.25 0.82
CA LEU A 303 -14.13 6.08 1.25
C LEU A 303 -13.90 4.96 0.26
N ASN A 304 -13.52 3.79 0.74
CA ASN A 304 -13.24 2.65 -0.13
C ASN A 304 -14.51 1.93 -0.48
N CYS A 305 -14.54 1.36 -1.69
CA CYS A 305 -15.65 0.53 -2.12
C CYS A 305 -15.15 -0.91 -2.21
N ILE A 306 -15.61 -1.72 -1.27
CA ILE A 306 -15.15 -3.10 -1.13
C ILE A 306 -16.29 -4.04 -1.45
N GLY A 307 -16.06 -4.96 -2.38
CA GLY A 307 -17.07 -5.96 -2.68
C GLY A 307 -17.99 -5.49 -3.78
N GLY A 308 -18.58 -4.32 -3.58
CA GLY A 308 -19.47 -3.75 -4.56
C GLY A 308 -19.38 -2.24 -4.46
N MSE A 309 -20.04 -1.56 -5.38
CA MSE A 309 -19.97 -0.11 -5.46
C MSE A 309 -21.38 0.42 -5.71
O MSE A 309 -22.17 -0.22 -6.41
CB MSE A 309 -19.04 0.28 -6.59
CG MSE A 309 -18.74 1.74 -6.69
SE MSE A 309 -17.10 1.94 -7.69
CE MSE A 309 -16.95 3.86 -7.43
N PRO A 310 -21.72 1.58 -5.11
CA PRO A 310 -23.04 2.14 -5.40
C PRO A 310 -23.15 2.46 -6.90
N ALA A 311 -24.39 2.50 -7.38
CA ALA A 311 -24.66 2.87 -8.77
C ALA A 311 -24.05 4.22 -9.08
N THR A 312 -23.41 4.33 -10.24
CA THR A 312 -22.82 5.59 -10.66
C THR A 312 -23.86 6.71 -10.71
N LYS A 313 -25.08 6.41 -11.14
CA LYS A 313 -26.10 7.45 -11.18
C LYS A 313 -26.40 8.00 -9.77
N ASP A 314 -26.31 7.14 -8.76
CA ASP A 314 -26.59 7.59 -7.39
C ASP A 314 -25.43 8.45 -6.87
N LEU A 315 -24.22 8.04 -7.20
CA LEU A 315 -23.03 8.79 -6.79
C LEU A 315 -22.97 10.15 -7.48
N ALA A 316 -23.32 10.17 -8.77
CA ALA A 316 -23.22 11.40 -9.55
C ALA A 316 -24.16 12.49 -9.03
N ALA A 317 -25.23 12.09 -8.36
CA ALA A 317 -26.20 13.04 -7.81
C ALA A 317 -25.62 13.83 -6.65
N LEU A 318 -24.56 13.29 -6.05
CA LEU A 318 -23.84 13.96 -4.98
C LEU A 318 -22.68 14.69 -5.66
N ASP A 319 -22.96 15.90 -6.13
CA ASP A 319 -22.18 16.47 -7.22
C ASP A 319 -20.76 16.94 -6.89
N ARG A 320 -20.39 16.92 -5.61
CA ARG A 320 -19.02 17.23 -5.21
C ARG A 320 -18.17 15.99 -4.95
N VAL A 321 -18.82 14.83 -4.93
CA VAL A 321 -18.12 13.57 -4.74
C VAL A 321 -17.33 13.21 -6.00
N LYS A 322 -16.05 12.90 -5.84
CA LYS A 322 -15.21 12.53 -6.97
C LYS A 322 -15.17 11.03 -7.04
N ILE A 323 -15.66 10.50 -8.16
CA ILE A 323 -15.84 9.08 -8.34
C ILE A 323 -14.58 8.44 -8.92
N HIS A 324 -14.14 7.34 -8.30
CA HIS A 324 -13.04 6.57 -8.83
C HIS A 324 -13.37 5.09 -8.91
N SER A 325 -14.13 4.71 -9.93
CA SER A 325 -14.44 3.32 -10.18
C SER A 325 -13.26 2.72 -10.92
N TYR A 326 -12.86 1.51 -10.53
CA TYR A 326 -11.75 0.85 -11.21
C TYR A 326 -12.24 -0.01 -12.38
N ASN A 327 -13.55 0.00 -12.63
CA ASN A 327 -14.16 -0.80 -13.69
C ASN A 327 -13.86 -2.28 -13.52
N LYS A 328 -14.09 -2.77 -12.29
CA LYS A 328 -13.96 -4.18 -11.98
C LYS A 328 -15.35 -4.76 -11.76
N GLU A 329 -15.43 -6.08 -11.63
CA GLU A 329 -16.69 -6.73 -11.31
CA GLU A 329 -16.69 -6.71 -11.31
C GLU A 329 -16.77 -6.94 -9.80
N PRO A 330 -18.00 -7.03 -9.27
CA PRO A 330 -18.12 -7.27 -7.83
C PRO A 330 -17.60 -8.65 -7.40
N ARG A 331 -17.14 -8.71 -6.16
CA ARG A 331 -16.69 -9.95 -5.52
C ARG A 331 -16.41 -9.59 -4.06
N LYS A 332 -16.91 -10.41 -3.13
CA LYS A 332 -16.69 -10.11 -1.72
C LYS A 332 -15.22 -9.84 -1.39
N GLY A 333 -14.95 -8.73 -0.73
CA GLY A 333 -13.58 -8.40 -0.33
C GLY A 333 -12.73 -7.69 -1.36
N ARG A 334 -13.22 -7.58 -2.60
CA ARG A 334 -12.45 -6.97 -3.68
C ARG A 334 -12.53 -5.44 -3.65
N LYS A 335 -11.38 -4.77 -3.80
CA LYS A 335 -11.39 -3.31 -3.93
C LYS A 335 -11.80 -2.93 -5.34
N VAL A 336 -13.01 -2.39 -5.49
CA VAL A 336 -13.57 -2.12 -6.81
C VAL A 336 -13.59 -0.62 -7.16
N GLY A 337 -13.33 0.24 -6.18
CA GLY A 337 -13.27 1.67 -6.46
C GLY A 337 -13.11 2.43 -5.16
N HIS A 338 -13.03 3.76 -5.25
CA HIS A 338 -13.08 4.58 -4.04
C HIS A 338 -13.76 5.89 -4.40
N LEU A 339 -14.14 6.64 -3.37
CA LEU A 339 -14.80 7.94 -3.55
C LEU A 339 -14.02 8.96 -2.75
N ASN A 340 -13.75 10.13 -3.34
CA ASN A 340 -13.08 11.21 -2.62
C ASN A 340 -14.02 12.40 -2.48
N LEU A 341 -13.89 13.15 -1.39
CA LEU A 341 -14.70 14.34 -1.18
C LEU A 341 -13.90 15.38 -0.41
N ASN A 342 -13.74 16.58 -0.96
CA ASN A 342 -13.15 17.67 -0.19
C ASN A 342 -14.16 18.14 0.86
N LEU A 343 -13.69 18.32 2.09
CA LEU A 343 -14.56 18.77 3.16
C LEU A 343 -14.25 20.22 3.48
N ASN A 344 -15.05 21.12 2.94
CA ASN A 344 -14.85 22.55 3.14
C ASN A 344 -15.89 23.11 4.09
N ASP A 345 -17.09 22.53 4.06
CA ASP A 345 -18.25 23.12 4.72
C ASP A 345 -19.32 22.10 5.05
N GLU A 346 -20.55 22.59 5.24
CA GLU A 346 -21.69 21.76 5.64
C GLU A 346 -22.33 20.98 4.51
N THR A 347 -22.39 21.58 3.31
CA THR A 347 -22.88 20.89 2.12
C THR A 347 -22.06 19.63 1.90
N ASP A 348 -20.77 19.71 2.21
CA ASP A 348 -19.88 18.56 2.09
C ASP A 348 -20.16 17.47 3.12
N GLU A 349 -20.26 17.85 4.38
CA GLU A 349 -20.36 16.84 5.44
C GLU A 349 -21.65 16.02 5.34
N TYR A 350 -22.71 16.63 4.80
CA TYR A 350 -23.95 15.90 4.60
C TYR A 350 -23.99 15.16 3.24
N GLN A 351 -23.22 15.60 2.25
CA GLN A 351 -23.02 14.76 1.07
C GLN A 351 -22.24 13.52 1.51
N LEU A 352 -21.37 13.67 2.51
CA LEU A 352 -20.59 12.53 2.99
C LEU A 352 -21.46 11.46 3.65
N LEU A 353 -22.43 11.88 4.46
CA LEU A 353 -23.37 10.94 5.06
C LEU A 353 -24.10 10.16 3.98
N GLN A 354 -24.47 10.84 2.90
CA GLN A 354 -25.21 10.18 1.82
C GLN A 354 -24.34 9.14 1.12
N VAL A 355 -23.05 9.45 0.93
CA VAL A 355 -22.11 8.48 0.34
C VAL A 355 -21.99 7.28 1.26
N LYS A 356 -21.84 7.54 2.55
CA LYS A 356 -21.74 6.47 3.53
C LYS A 356 -22.96 5.55 3.49
N LYS A 357 -24.16 6.13 3.36
CA LYS A 357 -25.36 5.32 3.27
C LYS A 357 -25.39 4.48 2.01
N LEU A 358 -25.02 5.08 0.88
CA LEU A 358 -24.95 4.33 -0.37
C LEU A 358 -23.94 3.19 -0.28
N ILE A 359 -22.76 3.48 0.26
CA ILE A 359 -21.71 2.46 0.45
C ILE A 359 -22.17 1.35 1.38
N ALA A 360 -22.82 1.70 2.47
CA ALA A 360 -23.29 0.71 3.43
C ALA A 360 -24.24 -0.27 2.77
N LEU A 361 -24.99 0.22 1.78
CA LEU A 361 -26.00 -0.61 1.13
C LEU A 361 -25.41 -1.43 -0.02
N SER A 362 -24.21 -1.08 -0.45
CA SER A 362 -23.59 -1.75 -1.60
C SER A 362 -22.37 -2.60 -1.27
N GLU A 363 -21.72 -2.32 -0.14
CA GLU A 363 -20.46 -3.01 0.14
C GLU A 363 -20.64 -4.47 0.57
N GLU A 364 -19.61 -5.27 0.32
CA GLU A 364 -19.54 -6.65 0.78
C GLU A 364 -18.12 -6.93 1.26
N ILE A 365 -17.93 -6.92 2.58
CA ILE A 365 -16.59 -7.08 3.15
C ILE A 365 -16.39 -8.50 3.67
NA NA B . -4.65 -0.25 -23.71
NA NA C . 5.36 -4.43 4.14
CL CL D . -7.76 -5.83 -12.25
C ACT E . -4.05 11.96 -10.53
O ACT E . -3.60 11.12 -9.70
OXT ACT E . -3.61 13.13 -10.46
CH3 ACT E . -5.09 11.59 -11.55
C ACT F . -8.63 -16.94 12.83
O ACT F . -9.60 -16.72 12.05
OXT ACT F . -7.56 -16.39 12.53
CH3 ACT F . -8.76 -17.84 14.03
C ACT G . 8.23 4.87 -29.55
O ACT G . 7.90 3.67 -29.37
OXT ACT G . 7.30 5.62 -29.90
CH3 ACT G . 9.63 5.34 -29.38
C ACT H . -2.73 -10.73 -22.36
O ACT H . -3.64 -11.08 -21.58
OXT ACT H . -2.17 -9.61 -22.16
CH3 ACT H . -2.33 -11.63 -23.48
C ACT I . 9.17 5.06 16.55
O ACT I . 10.18 4.37 16.82
OXT ACT I . 8.53 4.74 15.51
CH3 ACT I . 8.76 6.19 17.42
C ACT J . -22.74 3.89 -16.07
O ACT J . -22.71 5.12 -15.91
OXT ACT J . -21.71 3.27 -15.72
CH3 ACT J . -23.92 3.19 -16.66
C ACT K . 16.58 10.56 14.21
O ACT K . 15.76 11.26 14.85
OXT ACT K . 16.98 11.05 13.13
CH3 ACT K . 17.05 9.24 14.71
C ACT L . -18.87 -2.19 -9.58
O ACT L . -20.12 -2.16 -9.65
OXT ACT L . -18.25 -1.23 -10.08
CH3 ACT L . -18.15 -3.32 -8.94
C ACT M . -12.05 24.04 -5.99
O ACT M . -11.29 23.09 -6.23
OXT ACT M . -12.58 24.05 -4.86
CH3 ACT M . -12.31 25.11 -7.01
C ACT N . 17.70 -1.59 -7.10
O ACT N . 16.96 -1.87 -8.07
OXT ACT N . 17.85 -2.47 -6.24
CH3 ACT N . 18.42 -0.28 -6.97
C FMT O . -10.72 -11.18 -6.05
O1 FMT O . -10.49 -9.99 -5.86
O2 FMT O . -10.35 -11.82 -7.05
#